data_8S0L
#
_entry.id   8S0L
#
_cell.length_a   182.665
_cell.length_b   53.808
_cell.length_c   65.477
_cell.angle_alpha   90.00
_cell.angle_beta   100.74
_cell.angle_gamma   90.00
#
_symmetry.space_group_name_H-M   'C 1 2 1'
#
loop_
_entity.id
_entity.type
_entity.pdbx_description
1 polymer 'Transmembrane protease serine 2'
2 polymer 'Nanobody A07'
3 non-polymer 2-acetamido-2-deoxy-beta-D-glucopyranose
4 non-polymer 'CALCIUM ION'
5 water water
#
loop_
_entity_poly.entity_id
_entity_poly.type
_entity_poly.pdbx_seq_one_letter_code
_entity_poly.pdbx_strand_id
1 'polypeptide(L)'
;KFMGSKCSNSGIECDSSGTCINPSNWCDGVSHCPGGEDENRCVRLYGPNFILQVYSSQRKSWHPVCQDDWNENYGRAACR
DMGYKNNFYSSQGIVDDSGSTSFMKLNTSAGNVDIYKKLYHSDACSSKAVVSLRCIACGVNLNSSRQSRIVGGESALPGA
WPWQVSLHVQNVHVCGGSIITPEWIVTAAHCVEKPLNNPWHWTAFAGILRQSFMFYGAGYQVEKVISHPNYDSKTKNNDI
ALMKLQKPLTFNDLVKPVCLPNPGMMLQPEQLCWISGWGATEEKGKTSEVLNAAKVLLIETQRCNSRYVYDNLITPAMIC
AGFLQGNVDSCQGDAGGPLVTSKNNIWWLIGDTSWGSGCAKAYRPGVYGNVMVFTDWIYRQMRADGGPFEDDDDK
;
A
2 'polypeptide(L)'
;MGSSHHHHHHSSGGGQVQLVESGGGLVQPGGSLRLSCTSSGSPLEHYDIIWFRQAPGREREGVSSITTSGGHTNYADSVK
DRFTISRDNAKNVVYLQMNSLKPEDTAVYYCAGRVGGRRNWIVPLDGYDNAYWGQGTQVTVSSGGGSCSA
;
B
#
loop_
_chem_comp.id
_chem_comp.type
_chem_comp.name
_chem_comp.formula
CA non-polymer 'CALCIUM ION' 'Ca 2'
NAG D-saccharide, beta linking 2-acetamido-2-deoxy-beta-D-glucopyranose 'C8 H15 N O6'
#
# COMPACT_ATOMS: atom_id res chain seq x y z
N GLY A 11 6.78 6.40 21.20
CA GLY A 11 8.23 6.32 21.26
C GLY A 11 8.76 5.24 22.19
N ILE A 12 10.08 5.07 22.19
CA ILE A 12 10.73 4.03 22.99
C ILE A 12 11.80 4.70 23.86
N GLU A 13 11.93 4.21 25.10
CA GLU A 13 12.87 4.77 26.06
C GLU A 13 14.24 4.10 25.96
N CYS A 14 15.29 4.91 25.92
CA CYS A 14 16.65 4.39 25.74
C CYS A 14 17.16 3.71 27.01
N ASP A 15 17.25 4.47 28.10
CA ASP A 15 17.75 3.97 29.38
C ASP A 15 16.97 4.65 30.50
N SER A 16 17.54 4.65 31.72
CA SER A 16 16.87 5.24 32.88
C SER A 16 16.84 6.77 32.83
N SER A 17 17.66 7.41 32.00
CA SER A 17 17.70 8.87 31.95
C SER A 17 16.46 9.48 31.29
N GLY A 18 15.62 8.68 30.65
CA GLY A 18 14.36 9.16 30.11
C GLY A 18 14.38 9.62 28.67
N THR A 19 15.48 9.43 27.95
CA THR A 19 15.53 9.79 26.54
C THR A 19 14.64 8.85 25.73
N CYS A 20 13.71 9.43 24.96
CA CYS A 20 12.84 8.67 24.08
C CYS A 20 13.25 8.86 22.63
N ILE A 21 13.09 7.82 21.82
CA ILE A 21 13.35 7.89 20.39
C ILE A 21 12.15 7.32 19.65
N ASN A 22 12.00 7.76 18.40
CA ASN A 22 10.93 7.25 17.56
C ASN A 22 11.13 5.75 17.33
N PRO A 23 10.05 4.95 17.34
CA PRO A 23 10.23 3.51 17.06
C PRO A 23 10.90 3.22 15.73
N SER A 24 10.78 4.14 14.75
CA SER A 24 11.47 4.01 13.48
C SER A 24 12.98 4.16 13.64
N ASN A 25 13.45 4.79 14.72
CA ASN A 25 14.87 4.87 15.01
C ASN A 25 15.39 3.64 15.74
N TRP A 26 14.55 2.64 15.99
CA TRP A 26 14.98 1.41 16.64
C TRP A 26 15.48 0.41 15.59
N CYS A 27 16.72 -0.03 15.74
CA CYS A 27 17.38 -0.95 14.82
C CYS A 27 17.36 -0.39 13.39
N ASP A 28 17.93 0.80 13.23
CA ASP A 28 18.08 1.42 11.90
C ASP A 28 19.53 1.76 11.56
N GLY A 29 20.49 1.20 12.30
CA GLY A 29 21.90 1.35 11.99
C GLY A 29 22.60 2.51 12.68
N VAL A 30 21.87 3.53 13.11
CA VAL A 30 22.43 4.72 13.76
C VAL A 30 22.13 4.63 15.25
N SER A 31 23.15 4.88 16.09
CA SER A 31 22.97 4.85 17.54
C SER A 31 22.37 6.17 18.01
N HIS A 32 21.05 6.19 18.18
CA HIS A 32 20.31 7.34 18.72
C HIS A 32 20.22 7.34 20.23
N CYS A 33 20.67 6.27 20.90
CA CYS A 33 20.76 6.16 22.35
C CYS A 33 22.22 6.21 22.78
N PRO A 34 22.55 6.97 23.85
CA PRO A 34 23.97 7.04 24.26
C PRO A 34 24.56 5.71 24.70
N GLY A 35 23.74 4.79 25.21
CA GLY A 35 24.14 3.43 25.52
C GLY A 35 23.93 2.44 24.41
N GLY A 36 23.47 2.90 23.24
CA GLY A 36 23.33 2.04 22.09
C GLY A 36 22.25 0.99 22.18
N GLU A 37 21.35 1.09 23.15
CA GLU A 37 20.31 0.08 23.34
C GLU A 37 19.51 -0.14 22.06
N ASP A 38 19.21 0.94 21.32
CA ASP A 38 18.40 0.82 20.11
C ASP A 38 19.09 0.04 19.00
N GLU A 39 20.39 -0.23 19.10
CA GLU A 39 21.10 -1.02 18.10
C GLU A 39 21.77 -2.27 18.68
N ASN A 40 21.43 -2.63 19.92
CA ASN A 40 22.06 -3.74 20.64
C ASN A 40 21.30 -5.07 20.56
N ARG A 41 20.05 -5.07 20.08
CA ARG A 41 19.23 -6.29 20.07
C ARG A 41 18.50 -6.37 18.73
N CYS A 42 19.27 -6.48 17.64
CA CYS A 42 18.73 -6.37 16.30
C CYS A 42 19.00 -7.64 15.51
N VAL A 43 17.93 -8.25 14.99
CA VAL A 43 17.98 -9.49 14.23
C VAL A 43 17.19 -9.31 12.93
N ARG A 44 17.58 -10.04 11.89
CA ARG A 44 16.87 -10.01 10.62
C ARG A 44 17.15 -11.28 9.85
N LEU A 45 16.33 -11.54 8.83
CA LEU A 45 16.54 -12.60 7.84
C LEU A 45 17.01 -11.98 6.54
N TYR A 46 18.15 -12.43 6.03
CA TYR A 46 18.80 -11.81 4.87
C TYR A 46 18.66 -12.66 3.63
N GLY A 47 18.24 -12.03 2.55
CA GLY A 47 18.29 -12.63 1.24
C GLY A 47 17.28 -13.73 1.03
N PRO A 48 17.26 -14.30 -0.17
CA PRO A 48 16.25 -15.31 -0.50
C PRO A 48 16.45 -16.65 0.15
N ASN A 49 17.57 -16.88 0.85
CA ASN A 49 17.73 -18.09 1.64
C ASN A 49 17.65 -17.84 3.13
N PHE A 50 17.12 -16.68 3.55
CA PHE A 50 16.72 -16.44 4.95
C PHE A 50 17.90 -16.60 5.92
N ILE A 51 19.04 -15.98 5.60
CA ILE A 51 20.18 -16.10 6.49
C ILE A 51 19.93 -15.25 7.73
N LEU A 52 19.94 -15.88 8.90
CA LEU A 52 19.75 -15.16 10.15
C LEU A 52 20.97 -14.28 10.42
N GLN A 53 20.74 -12.98 10.63
CA GLN A 53 21.82 -12.04 10.92
C GLN A 53 21.51 -11.22 12.16
N VAL A 54 22.58 -10.90 12.89
CA VAL A 54 22.52 -10.06 14.08
C VAL A 54 23.37 -8.82 13.83
N TYR A 55 22.87 -7.67 14.29
CA TYR A 55 23.54 -6.40 14.12
C TYR A 55 24.55 -6.17 15.24
N SER A 56 25.72 -5.64 14.88
CA SER A 56 26.76 -5.24 15.81
C SER A 56 26.83 -3.72 15.79
N SER A 57 26.39 -3.10 16.89
CA SER A 57 26.46 -1.65 17.02
C SER A 57 27.89 -1.15 17.08
N GLN A 58 28.79 -1.93 17.68
CA GLN A 58 30.21 -1.57 17.69
C GLN A 58 30.76 -1.49 16.27
N ARG A 59 30.63 -2.58 15.51
CA ARG A 59 31.15 -2.63 14.16
C ARG A 59 30.21 -1.99 13.14
N LYS A 60 29.02 -1.61 13.58
CA LYS A 60 28.01 -0.97 12.72
C LYS A 60 27.72 -1.84 11.50
N SER A 61 27.54 -3.15 11.73
CA SER A 61 27.34 -4.05 10.58
C SER A 61 26.60 -5.31 10.99
N TRP A 62 26.01 -5.98 10.00
CA TRP A 62 25.22 -7.18 10.19
C TRP A 62 26.08 -8.42 9.95
N HIS A 63 25.81 -9.48 10.72
CA HIS A 63 26.65 -10.69 10.66
C HIS A 63 25.81 -11.95 10.81
N PRO A 64 26.07 -12.99 10.02
CA PRO A 64 25.29 -14.23 10.14
C PRO A 64 25.62 -14.99 11.42
N VAL A 65 24.70 -15.84 11.82
CA VAL A 65 24.85 -16.66 13.01
C VAL A 65 25.40 -18.03 12.60
N CYS A 66 26.50 -18.46 13.25
CA CYS A 66 27.01 -19.81 13.04
C CYS A 66 25.97 -20.84 13.43
N GLN A 67 25.89 -21.92 12.64
CA GLN A 67 25.09 -23.08 13.01
C GLN A 67 25.61 -23.76 14.28
N ASP A 68 26.87 -23.54 14.66
CA ASP A 68 27.45 -24.16 15.85
C ASP A 68 26.51 -24.10 17.05
N ASP A 69 26.11 -25.25 17.56
CA ASP A 69 25.35 -25.37 18.79
C ASP A 69 23.96 -24.73 18.71
N TRP A 70 23.55 -24.27 17.53
CA TRP A 70 22.20 -23.76 17.36
C TRP A 70 21.19 -24.90 17.39
N ASN A 71 19.94 -24.58 17.74
CA ASN A 71 18.91 -25.60 17.72
C ASN A 71 17.55 -24.93 17.52
N GLU A 72 16.49 -25.72 17.63
CA GLU A 72 15.17 -25.20 17.29
C GLU A 72 14.67 -24.18 18.30
N ASN A 73 15.01 -24.35 19.58
CA ASN A 73 14.57 -23.40 20.60
C ASN A 73 15.12 -22.00 20.35
N TYR A 74 16.39 -21.90 19.92
CA TYR A 74 16.91 -20.58 19.56
C TYR A 74 16.17 -20.01 18.36
N GLY A 75 15.86 -20.85 17.38
CA GLY A 75 15.15 -20.35 16.21
C GLY A 75 13.76 -19.83 16.57
N ARG A 76 13.04 -20.56 17.43
CA ARG A 76 11.72 -20.08 17.86
C ARG A 76 11.83 -18.78 18.64
N ALA A 77 12.82 -18.69 19.54
CA ALA A 77 13.05 -17.45 20.26
C ALA A 77 13.25 -16.28 19.29
N ALA A 78 14.09 -16.50 18.27
CA ALA A 78 14.36 -15.45 17.31
C ALA A 78 13.10 -15.08 16.53
N CYS A 79 12.33 -16.08 16.12
CA CYS A 79 11.08 -15.82 15.42
C CYS A 79 10.14 -14.97 16.27
N ARG A 80 10.01 -15.29 17.55
CA ARG A 80 9.19 -14.47 18.44
C ARG A 80 9.69 -13.04 18.46
N ASP A 81 11.01 -12.86 18.63
CA ASP A 81 11.59 -11.52 18.65
C ASP A 81 11.32 -10.75 17.38
N MET A 82 11.19 -11.45 16.26
CA MET A 82 10.86 -10.79 15.01
C MET A 82 9.37 -10.47 14.87
N GLY A 83 8.53 -10.89 15.80
CA GLY A 83 7.11 -10.61 15.73
C GLY A 83 6.22 -11.74 15.23
N TYR A 84 6.75 -12.93 14.97
CA TYR A 84 5.93 -14.02 14.44
C TYR A 84 5.25 -14.87 15.51
N LYS A 85 5.34 -14.47 16.78
CA LYS A 85 4.55 -15.07 17.86
C LYS A 85 4.91 -16.55 17.93
N ASN A 86 4.01 -17.47 17.64
CA ASN A 86 4.28 -18.89 17.80
C ASN A 86 4.56 -19.60 16.48
N ASN A 87 4.51 -18.90 15.36
CA ASN A 87 4.87 -19.54 14.11
C ASN A 87 6.35 -19.91 14.13
N PHE A 88 6.65 -21.06 13.54
CA PHE A 88 8.00 -21.49 13.28
C PHE A 88 7.89 -22.54 12.17
N TYR A 89 8.66 -22.35 11.11
CA TYR A 89 8.64 -23.31 10.00
C TYR A 89 9.86 -24.22 9.99
N SER A 90 11.08 -23.66 9.88
CA SER A 90 12.26 -24.51 9.73
C SER A 90 13.54 -23.76 10.06
N SER A 91 14.56 -24.51 10.44
CA SER A 91 15.86 -23.91 10.64
C SER A 91 16.88 -24.96 10.26
N GLN A 92 17.82 -24.59 9.39
CA GLN A 92 18.90 -25.51 9.06
C GLN A 92 20.16 -24.71 8.80
N GLY A 93 21.31 -25.40 8.89
CA GLY A 93 22.56 -24.76 8.50
C GLY A 93 22.74 -24.81 6.99
N ILE A 94 23.27 -23.71 6.44
CA ILE A 94 23.55 -23.63 5.01
C ILE A 94 24.86 -22.91 4.78
N VAL A 95 25.37 -23.05 3.56
CA VAL A 95 26.52 -22.27 3.09
C VAL A 95 26.11 -20.81 2.98
N ASP A 96 26.90 -19.93 3.59
CA ASP A 96 26.55 -18.51 3.59
C ASP A 96 26.51 -17.89 2.19
N ASP A 97 25.31 -17.53 1.68
CA ASP A 97 25.22 -16.78 0.43
C ASP A 97 24.96 -15.29 0.65
N SER A 98 25.30 -14.76 1.83
CA SER A 98 25.12 -13.34 2.15
C SER A 98 26.38 -12.51 1.93
N GLY A 99 27.53 -13.14 1.64
CA GLY A 99 28.76 -12.42 1.38
C GLY A 99 29.59 -12.09 2.60
N SER A 100 29.05 -12.29 3.81
CA SER A 100 29.65 -11.76 5.02
C SER A 100 31.04 -12.36 5.28
N THR A 101 31.81 -11.69 6.16
CA THR A 101 33.19 -12.08 6.43
C THR A 101 33.53 -12.30 7.90
N SER A 102 32.60 -12.00 8.82
CA SER A 102 32.71 -12.27 10.25
C SER A 102 31.35 -12.77 10.71
N PHE A 103 31.32 -13.60 11.75
CA PHE A 103 30.11 -14.32 12.12
C PHE A 103 29.88 -14.25 13.62
N MET A 104 28.65 -14.55 14.03
CA MET A 104 28.29 -14.62 15.44
C MET A 104 28.18 -16.09 15.86
N LYS A 105 28.87 -16.45 16.94
CA LYS A 105 28.96 -17.80 17.44
C LYS A 105 28.43 -17.84 18.85
N LEU A 106 27.69 -18.90 19.17
CA LEU A 106 27.20 -19.11 20.54
C LEU A 106 28.33 -19.48 21.51
N ASN A 107 28.43 -18.77 22.62
CA ASN A 107 29.32 -19.14 23.72
C ASN A 107 28.55 -20.10 24.62
N THR A 108 28.85 -21.39 24.50
CA THR A 108 28.16 -22.38 25.34
C THR A 108 28.58 -22.25 26.79
N SER A 109 29.83 -21.85 27.05
CA SER A 109 30.31 -21.73 28.43
C SER A 109 29.49 -20.74 29.25
N ALA A 110 28.98 -19.69 28.62
CA ALA A 110 28.00 -18.84 29.25
C ALA A 110 26.62 -19.44 29.08
N GLY A 111 25.82 -19.43 30.14
CA GLY A 111 24.52 -20.07 30.14
C GLY A 111 23.40 -19.10 30.45
N ASN A 112 22.21 -19.41 29.95
CA ASN A 112 20.93 -18.81 30.34
C ASN A 112 20.79 -17.33 30.00
N VAL A 113 21.83 -16.69 29.45
CA VAL A 113 21.68 -15.34 28.95
C VAL A 113 20.92 -15.37 27.62
N ASP A 114 20.33 -14.23 27.28
CA ASP A 114 19.67 -14.18 25.97
C ASP A 114 20.72 -14.24 24.86
N ILE A 115 20.25 -14.53 23.64
CA ILE A 115 21.15 -14.81 22.53
C ILE A 115 22.18 -13.70 22.39
N TYR A 116 21.75 -12.45 22.53
CA TYR A 116 22.65 -11.33 22.26
C TYR A 116 23.80 -11.27 23.24
N LYS A 117 23.60 -11.68 24.49
CA LYS A 117 24.69 -11.76 25.44
C LYS A 117 25.53 -13.02 25.24
N LYS A 118 24.97 -14.04 24.60
CA LYS A 118 25.65 -15.31 24.41
C LYS A 118 26.46 -15.36 23.12
N LEU A 119 26.11 -14.55 22.13
CA LEU A 119 26.82 -14.52 20.85
C LEU A 119 28.08 -13.67 20.95
N TYR A 120 29.13 -14.10 20.24
CA TYR A 120 30.36 -13.32 20.14
C TYR A 120 30.89 -13.41 18.72
N HIS A 121 31.78 -12.48 18.38
CA HIS A 121 32.33 -12.41 17.03
C HIS A 121 33.35 -13.51 16.84
N SER A 122 33.31 -14.14 15.67
CA SER A 122 34.22 -15.22 15.34
C SER A 122 34.53 -15.12 13.86
N ASP A 123 35.79 -15.39 13.52
CA ASP A 123 36.20 -15.34 12.13
C ASP A 123 35.78 -16.58 11.35
N ALA A 124 35.42 -17.65 12.05
CA ALA A 124 35.00 -18.89 11.40
C ALA A 124 33.91 -19.55 12.22
N CYS A 125 33.13 -20.41 11.55
CA CYS A 125 32.17 -21.27 12.20
C CYS A 125 32.71 -22.69 12.20
N SER A 126 32.70 -23.32 13.37
CA SER A 126 33.24 -24.67 13.49
C SER A 126 32.43 -25.69 12.68
N SER A 127 31.12 -25.48 12.57
CA SER A 127 30.31 -26.37 11.76
C SER A 127 30.31 -25.97 10.29
N LYS A 128 31.02 -24.90 9.92
CA LYS A 128 31.17 -24.47 8.51
C LYS A 128 29.82 -24.22 7.84
N ALA A 129 28.84 -23.73 8.60
CA ALA A 129 27.52 -23.38 8.09
C ALA A 129 26.97 -22.26 8.95
N VAL A 130 26.00 -21.53 8.39
CA VAL A 130 25.30 -20.45 9.07
C VAL A 130 23.81 -20.79 9.13
N VAL A 131 23.12 -20.16 10.08
CA VAL A 131 21.73 -20.47 10.35
C VAL A 131 20.87 -19.86 9.25
N SER A 132 20.00 -20.69 8.66
CA SER A 132 18.91 -20.28 7.80
C SER A 132 17.61 -20.57 8.54
N LEU A 133 16.76 -19.56 8.68
CA LEU A 133 15.64 -19.59 9.62
C LEU A 133 14.40 -19.10 8.89
N ARG A 134 13.35 -19.91 8.87
CA ARG A 134 12.07 -19.54 8.30
C ARG A 134 11.03 -19.63 9.41
N CYS A 135 10.34 -18.50 9.67
CA CYS A 135 9.40 -18.45 10.78
C CYS A 135 7.99 -18.86 10.38
N ILE A 136 7.71 -18.98 9.09
CA ILE A 136 6.37 -19.36 8.68
C ILE A 136 6.46 -20.00 7.31
N ALA A 137 5.63 -21.02 7.09
CA ALA A 137 5.50 -21.59 5.76
C ALA A 137 4.78 -20.57 4.88
N CYS A 138 5.43 -20.10 3.83
CA CYS A 138 4.84 -19.06 3.01
C CYS A 138 5.39 -19.16 1.61
N GLY A 139 4.76 -18.43 0.69
CA GLY A 139 5.29 -18.28 -0.65
C GLY A 139 5.16 -19.49 -1.56
N VAL A 140 4.26 -20.43 -1.25
CA VAL A 140 4.01 -21.61 -2.08
C VAL A 140 2.61 -21.49 -2.67
N ASN A 141 2.46 -21.80 -3.95
CA ASN A 141 1.11 -21.84 -4.53
C ASN A 141 0.99 -23.10 -5.38
N LEU A 142 -0.14 -23.22 -6.06
CA LEU A 142 -0.35 -24.32 -6.99
C LEU A 142 0.49 -24.07 -8.22
N ASN A 143 1.37 -25.01 -8.56
CA ASN A 143 2.24 -24.82 -9.71
C ASN A 143 1.65 -25.49 -10.95
N ILE A 150 -8.02 -6.01 -12.79
CA ILE A 150 -6.87 -6.35 -13.63
C ILE A 150 -7.22 -6.18 -15.10
N VAL A 151 -6.41 -5.41 -15.82
CA VAL A 151 -6.51 -5.26 -17.28
C VAL A 151 -5.51 -6.16 -17.96
N GLY A 152 -5.94 -6.83 -19.05
CA GLY A 152 -5.06 -7.65 -19.86
C GLY A 152 -4.65 -9.00 -19.28
N GLY A 153 -5.43 -9.55 -18.36
CA GLY A 153 -5.07 -10.79 -17.70
C GLY A 153 -6.04 -11.92 -17.98
N GLU A 154 -6.03 -12.95 -17.13
CA GLU A 154 -6.86 -14.13 -17.30
C GLU A 154 -7.29 -14.64 -15.94
N SER A 155 -8.36 -15.45 -15.93
CA SER A 155 -8.97 -15.89 -14.69
C SER A 155 -8.07 -16.89 -13.95
N ALA A 156 -7.98 -16.71 -12.63
CA ALA A 156 -7.07 -17.49 -11.80
C ALA A 156 -7.70 -18.81 -11.39
N LEU A 157 -6.88 -19.85 -11.29
CA LEU A 157 -7.30 -21.15 -10.77
C LEU A 157 -7.34 -21.14 -9.25
N PRO A 158 -8.14 -22.03 -8.64
CA PRO A 158 -8.08 -22.19 -7.18
C PRO A 158 -6.64 -22.50 -6.76
N GLY A 159 -6.16 -21.82 -5.73
CA GLY A 159 -4.83 -22.07 -5.19
C GLY A 159 -3.69 -21.42 -5.94
N ALA A 160 -3.97 -20.75 -7.05
CA ALA A 160 -2.92 -20.05 -7.77
C ALA A 160 -2.34 -18.89 -6.95
N TRP A 161 -3.21 -18.12 -6.31
CA TRP A 161 -2.82 -16.93 -5.54
C TRP A 161 -3.48 -17.06 -4.17
N PRO A 162 -3.01 -18.00 -3.34
CA PRO A 162 -3.78 -18.32 -2.13
C PRO A 162 -3.67 -17.28 -1.02
N TRP A 163 -2.81 -16.28 -1.15
CA TRP A 163 -2.74 -15.18 -0.18
C TRP A 163 -3.71 -14.04 -0.52
N GLN A 164 -4.37 -14.11 -1.66
CA GLN A 164 -5.22 -13.02 -2.16
C GLN A 164 -6.50 -12.97 -1.34
N VAL A 165 -6.82 -11.80 -0.82
CA VAL A 165 -8.14 -11.66 -0.23
C VAL A 165 -8.91 -10.51 -0.84
N SER A 166 -10.24 -10.56 -0.67
CA SER A 166 -11.14 -9.48 -1.08
C SER A 166 -11.70 -8.85 0.18
N LEU A 167 -11.62 -7.52 0.28
CA LEU A 167 -12.02 -6.76 1.47
C LEU A 167 -13.28 -5.95 1.12
N HIS A 168 -14.34 -6.20 1.88
CA HIS A 168 -15.68 -5.64 1.67
C HIS A 168 -16.12 -4.71 2.78
N VAL A 169 -16.88 -3.69 2.38
CA VAL A 169 -17.66 -2.84 3.25
C VAL A 169 -19.05 -2.75 2.62
N GLN A 170 -20.10 -2.75 3.45
CA GLN A 170 -21.46 -2.58 2.95
C GLN A 170 -21.75 -3.54 1.79
N ASN A 171 -21.29 -4.78 1.91
CA ASN A 171 -21.55 -5.85 0.96
C ASN A 171 -20.94 -5.60 -0.42
N VAL A 172 -19.89 -4.79 -0.51
CA VAL A 172 -19.27 -4.38 -1.77
C VAL A 172 -17.76 -4.60 -1.64
N HIS A 173 -17.14 -5.23 -2.65
CA HIS A 173 -15.68 -5.31 -2.73
C HIS A 173 -15.08 -3.91 -2.88
N VAL A 174 -14.22 -3.53 -1.93
CA VAL A 174 -13.57 -2.24 -1.94
C VAL A 174 -12.09 -2.37 -2.27
N CYS A 175 -11.45 -3.39 -1.74
N CYS A 175 -11.44 -3.40 -1.72
CA CYS A 175 -10.00 -3.44 -1.91
CA CYS A 175 -9.99 -3.41 -1.68
C CYS A 175 -9.57 -4.88 -1.92
C CYS A 175 -9.54 -4.86 -1.80
N GLY A 176 -8.30 -5.09 -2.26
CA GLY A 176 -7.68 -6.38 -2.14
C GLY A 176 -6.68 -6.36 -0.98
N GLY A 177 -6.15 -7.54 -0.66
CA GLY A 177 -5.09 -7.60 0.35
C GLY A 177 -4.31 -8.91 0.21
N SER A 178 -3.25 -9.04 1.03
CA SER A 178 -2.38 -10.21 0.98
C SER A 178 -2.18 -10.78 2.39
N ILE A 179 -2.43 -12.07 2.55
CA ILE A 179 -2.25 -12.77 3.81
C ILE A 179 -0.76 -12.97 4.05
N ILE A 180 -0.27 -12.55 5.22
CA ILE A 180 1.11 -12.87 5.61
C ILE A 180 1.20 -13.75 6.85
N THR A 181 0.20 -13.79 7.73
CA THR A 181 0.16 -14.78 8.82
C THR A 181 -1.30 -15.24 8.94
N PRO A 182 -1.64 -16.22 9.79
CA PRO A 182 -3.08 -16.54 9.93
C PRO A 182 -3.94 -15.37 10.40
N GLU A 183 -3.32 -14.32 10.95
CA GLU A 183 -4.06 -13.20 11.50
C GLU A 183 -3.87 -11.89 10.76
N TRP A 184 -2.79 -11.73 9.98
CA TRP A 184 -2.41 -10.43 9.46
C TRP A 184 -2.53 -10.37 7.94
N ILE A 185 -3.09 -9.25 7.44
CA ILE A 185 -3.27 -8.99 6.02
C ILE A 185 -2.61 -7.65 5.71
N VAL A 186 -1.81 -7.61 4.63
CA VAL A 186 -1.27 -6.36 4.10
C VAL A 186 -2.26 -5.78 3.09
N THR A 187 -2.54 -4.48 3.19
CA THR A 187 -3.37 -3.78 2.18
C THR A 187 -2.86 -2.35 2.08
N ALA A 188 -3.63 -1.49 1.40
CA ALA A 188 -3.24 -0.09 1.23
C ALA A 188 -3.87 0.80 2.29
N ALA A 189 -3.12 1.80 2.74
CA ALA A 189 -3.67 2.77 3.69
C ALA A 189 -4.87 3.55 3.11
N HIS A 190 -4.86 3.83 1.81
CA HIS A 190 -5.99 4.64 1.32
C HIS A 190 -7.28 3.86 1.27
N CYS A 191 -7.22 2.53 1.32
CA CYS A 191 -8.43 1.71 1.48
C CYS A 191 -9.13 2.04 2.79
N VAL A 192 -8.37 2.31 3.84
CA VAL A 192 -8.94 2.37 5.19
C VAL A 192 -8.98 3.81 5.71
N GLU A 193 -8.91 4.79 4.81
CA GLU A 193 -9.13 6.17 5.20
C GLU A 193 -10.51 6.34 5.78
N LYS A 194 -10.63 7.19 6.81
CA LYS A 194 -11.93 7.48 7.40
C LYS A 194 -12.88 7.91 6.28
N PRO A 195 -14.15 7.49 6.31
CA PRO A 195 -14.85 6.84 7.42
C PRO A 195 -14.66 5.33 7.45
N LEU A 196 -13.72 4.75 6.69
CA LEU A 196 -13.52 3.30 6.68
C LEU A 196 -12.35 2.88 7.55
N ASN A 197 -12.02 3.64 8.60
CA ASN A 197 -10.93 3.25 9.50
C ASN A 197 -11.40 2.33 10.62
N ASN A 198 -12.69 2.19 10.79
CA ASN A 198 -13.26 1.35 11.83
C ASN A 198 -13.17 -0.11 11.40
N PRO A 199 -12.53 -0.98 12.17
CA PRO A 199 -12.43 -2.39 11.74
C PRO A 199 -13.78 -3.07 11.60
N TRP A 200 -14.79 -2.58 12.33
CA TRP A 200 -16.07 -3.26 12.27
C TRP A 200 -16.78 -3.10 10.93
N HIS A 201 -16.33 -2.16 10.08
CA HIS A 201 -16.89 -1.99 8.74
C HIS A 201 -16.49 -3.11 7.80
N TRP A 202 -15.40 -3.83 8.10
CA TRP A 202 -14.74 -4.66 7.10
C TRP A 202 -15.02 -6.14 7.26
N THR A 203 -15.10 -6.84 6.11
CA THR A 203 -15.04 -8.29 6.06
C THR A 203 -13.96 -8.73 5.08
N ALA A 204 -13.19 -9.76 5.42
CA ALA A 204 -12.17 -10.30 4.53
C ALA A 204 -12.64 -11.64 3.97
N PHE A 205 -12.51 -11.84 2.68
CA PHE A 205 -12.87 -13.12 2.06
C PHE A 205 -11.62 -13.76 1.47
N ALA A 206 -11.33 -14.99 1.91
CA ALA A 206 -10.14 -15.74 1.51
C ALA A 206 -10.56 -17.05 0.87
N GLY A 207 -9.77 -17.51 -0.09
CA GLY A 207 -10.02 -18.82 -0.67
C GLY A 207 -11.23 -18.92 -1.60
N ILE A 208 -11.81 -17.79 -1.99
CA ILE A 208 -13.04 -17.79 -2.80
C ILE A 208 -12.75 -17.00 -4.08
N LEU A 209 -13.01 -17.61 -5.25
CA LEU A 209 -12.65 -16.92 -6.48
C LEU A 209 -13.72 -15.96 -6.99
N ARG A 210 -15.01 -16.19 -6.66
CA ARG A 210 -16.15 -15.45 -7.20
C ARG A 210 -16.72 -14.48 -6.18
N GLN A 211 -16.87 -13.22 -6.58
CA GLN A 211 -17.52 -12.22 -5.71
C GLN A 211 -18.91 -12.67 -5.29
N SER A 212 -19.64 -13.40 -6.15
CA SER A 212 -21.00 -13.76 -5.76
C SER A 212 -21.02 -14.78 -4.60
N PHE A 213 -19.91 -15.46 -4.33
CA PHE A 213 -19.88 -16.36 -3.18
C PHE A 213 -19.30 -15.70 -1.94
N MET A 214 -19.10 -14.39 -1.98
CA MET A 214 -18.64 -13.61 -0.83
C MET A 214 -19.83 -12.89 -0.18
N PHE A 215 -20.56 -13.60 0.67
CA PHE A 215 -21.76 -13.05 1.29
C PHE A 215 -21.65 -13.13 2.81
N TYR A 216 -22.60 -12.50 3.51
CA TYR A 216 -22.57 -12.45 4.97
C TYR A 216 -22.52 -13.85 5.54
N GLY A 217 -21.47 -14.14 6.31
CA GLY A 217 -21.25 -15.45 6.87
C GLY A 217 -20.12 -16.20 6.22
N ALA A 218 -19.71 -15.79 5.02
CA ALA A 218 -18.68 -16.51 4.29
C ALA A 218 -17.29 -15.97 4.53
N GLY A 219 -17.17 -14.78 5.13
CA GLY A 219 -15.89 -14.13 5.32
C GLY A 219 -15.47 -14.13 6.78
N TYR A 220 -14.54 -13.23 7.10
CA TYR A 220 -13.88 -13.15 8.39
C TYR A 220 -13.96 -11.74 8.92
N GLN A 221 -14.27 -11.62 10.20
CA GLN A 221 -14.32 -10.31 10.83
C GLN A 221 -12.93 -9.78 11.07
N VAL A 222 -12.81 -8.46 11.01
CA VAL A 222 -11.55 -7.76 11.17
C VAL A 222 -11.53 -7.15 12.58
N GLU A 223 -10.42 -7.31 13.28
CA GLU A 223 -10.31 -6.79 14.63
C GLU A 223 -9.61 -5.44 14.67
N LYS A 224 -8.59 -5.26 13.85
CA LYS A 224 -7.79 -4.04 13.91
C LYS A 224 -7.44 -3.58 12.52
N VAL A 225 -7.39 -2.26 12.35
CA VAL A 225 -6.90 -1.61 11.13
C VAL A 225 -5.80 -0.65 11.55
N ILE A 226 -4.59 -0.83 11.00
CA ILE A 226 -3.45 0.02 11.35
C ILE A 226 -2.88 0.61 10.05
N SER A 227 -2.97 1.93 9.88
CA SER A 227 -2.35 2.61 8.73
C SER A 227 -0.94 3.00 9.08
N HIS A 228 -0.10 3.05 8.07
CA HIS A 228 1.26 3.52 8.27
C HIS A 228 1.24 4.90 8.89
N PRO A 229 2.00 5.13 9.95
CA PRO A 229 1.91 6.43 10.64
C PRO A 229 2.40 7.59 9.80
N ASN A 230 3.19 7.34 8.75
CA ASN A 230 3.63 8.40 7.86
C ASN A 230 2.85 8.43 6.54
N TYR A 231 1.75 7.71 6.46
CA TYR A 231 0.87 7.81 5.28
C TYR A 231 0.43 9.26 5.04
N ASP A 232 0.57 9.73 3.80
CA ASP A 232 0.14 11.06 3.40
C ASP A 232 -0.89 10.90 2.28
N SER A 233 -2.17 11.12 2.59
CA SER A 233 -3.20 10.87 1.60
C SER A 233 -3.10 11.85 0.42
N LYS A 234 -2.45 13.00 0.63
CA LYS A 234 -2.34 13.97 -0.45
C LYS A 234 -1.45 13.47 -1.58
N THR A 235 -0.32 12.83 -1.23
CA THR A 235 0.66 12.34 -2.21
C THR A 235 0.61 10.83 -2.36
N LYS A 236 -0.16 10.14 -1.52
CA LYS A 236 -0.19 8.68 -1.38
C LYS A 236 1.18 8.11 -1.01
N ASN A 237 2.06 8.93 -0.43
CA ASN A 237 3.30 8.38 0.10
C ASN A 237 3.02 7.47 1.29
N ASN A 238 3.78 6.36 1.39
CA ASN A 238 3.65 5.34 2.46
C ASN A 238 2.25 4.71 2.51
N ASP A 239 1.79 4.22 1.36
CA ASP A 239 0.39 3.76 1.22
C ASP A 239 0.32 2.27 1.56
N ILE A 240 0.37 1.98 2.85
CA ILE A 240 0.33 0.62 3.35
C ILE A 240 -0.38 0.60 4.71
N ALA A 241 -1.10 -0.51 4.95
CA ALA A 241 -1.84 -0.70 6.18
C ALA A 241 -1.86 -2.17 6.47
N LEU A 242 -2.15 -2.49 7.73
CA LEU A 242 -2.29 -3.85 8.19
C LEU A 242 -3.72 -4.02 8.71
N MET A 243 -4.31 -5.18 8.42
CA MET A 243 -5.56 -5.61 9.02
C MET A 243 -5.30 -6.85 9.86
N LYS A 244 -5.75 -6.84 11.11
CA LYS A 244 -5.68 -8.02 11.96
C LYS A 244 -7.07 -8.61 12.05
N LEU A 245 -7.17 -9.92 11.77
CA LEU A 245 -8.43 -10.67 11.86
C LEU A 245 -8.77 -11.04 13.31
N GLN A 246 -10.07 -11.12 13.58
CA GLN A 246 -10.50 -11.49 14.92
C GLN A 246 -10.17 -12.95 15.24
N LYS A 247 -10.20 -13.83 14.24
CA LYS A 247 -9.78 -15.24 14.40
C LYS A 247 -8.66 -15.61 13.43
N PRO A 248 -7.80 -16.56 13.80
CA PRO A 248 -6.78 -17.04 12.85
C PRO A 248 -7.41 -17.77 11.69
N LEU A 249 -6.91 -17.50 10.47
CA LEU A 249 -7.30 -18.29 9.31
C LEU A 249 -6.77 -19.71 9.42
N THR A 250 -7.55 -20.66 8.91
CA THR A 250 -7.08 -22.03 8.70
C THR A 250 -6.47 -22.12 7.31
N PHE A 251 -5.22 -22.53 7.22
CA PHE A 251 -4.55 -22.60 5.93
C PHE A 251 -4.79 -23.96 5.29
N ASN A 252 -4.84 -23.96 3.96
CA ASN A 252 -5.08 -25.18 3.19
C ASN A 252 -4.56 -24.94 1.77
N ASP A 253 -4.97 -25.76 0.80
CA ASP A 253 -4.53 -25.53 -0.57
C ASP A 253 -5.01 -24.19 -1.13
N LEU A 254 -6.11 -23.66 -0.62
CA LEU A 254 -6.72 -22.49 -1.22
C LEU A 254 -6.37 -21.20 -0.52
N VAL A 255 -5.89 -21.28 0.73
CA VAL A 255 -5.62 -20.12 1.58
C VAL A 255 -4.26 -20.36 2.23
N LYS A 256 -3.26 -19.54 1.89
CA LYS A 256 -1.89 -19.66 2.40
C LYS A 256 -1.25 -18.29 2.34
N PRO A 257 -0.19 -18.05 3.11
CA PRO A 257 0.44 -16.74 3.09
C PRO A 257 1.52 -16.59 2.01
N VAL A 258 1.74 -15.32 1.60
CA VAL A 258 2.88 -14.91 0.79
C VAL A 258 4.02 -14.52 1.75
N CYS A 259 5.27 -14.67 1.32
CA CYS A 259 6.39 -14.30 2.18
C CYS A 259 6.68 -12.80 2.11
N LEU A 260 6.99 -12.20 3.27
CA LEU A 260 7.50 -10.83 3.27
C LEU A 260 8.92 -10.80 2.68
N PRO A 261 9.29 -9.74 1.96
CA PRO A 261 10.64 -9.69 1.36
C PRO A 261 11.67 -9.40 2.43
N ASN A 262 12.85 -9.96 2.25
CA ASN A 262 14.02 -9.81 3.10
C ASN A 262 14.97 -8.77 2.52
N PRO A 263 15.73 -8.06 3.35
CA PRO A 263 16.89 -7.32 2.82
C PRO A 263 17.65 -8.19 1.85
N GLY A 264 18.18 -7.60 0.78
CA GLY A 264 19.07 -8.36 -0.07
C GLY A 264 18.39 -9.28 -1.07
N MET A 265 17.18 -8.96 -1.52
CA MET A 265 16.52 -9.78 -2.54
C MET A 265 17.24 -9.70 -3.87
N MET A 266 17.95 -8.59 -4.11
CA MET A 266 18.71 -8.39 -5.34
C MET A 266 17.82 -8.58 -6.59
N LEU A 267 16.67 -7.92 -6.59
CA LEU A 267 15.78 -8.10 -7.75
C LEU A 267 16.37 -7.44 -8.98
N GLN A 268 16.00 -7.95 -10.15
CA GLN A 268 16.45 -7.34 -11.40
C GLN A 268 15.79 -5.98 -11.63
N PRO A 269 16.47 -5.07 -12.34
CA PRO A 269 15.83 -3.79 -12.71
C PRO A 269 14.43 -3.95 -13.32
N GLU A 270 14.24 -4.91 -14.23
CA GLU A 270 12.90 -5.18 -14.76
C GLU A 270 12.41 -6.56 -14.34
N GLN A 271 12.52 -6.90 -13.05
CA GLN A 271 12.08 -8.19 -12.54
C GLN A 271 10.66 -8.53 -12.98
N LEU A 272 10.46 -9.79 -13.37
CA LEU A 272 9.13 -10.30 -13.73
C LEU A 272 8.29 -10.55 -12.49
N CYS A 273 7.10 -9.94 -12.43
CA CYS A 273 6.20 -10.04 -11.31
C CYS A 273 4.78 -10.37 -11.80
N TRP A 274 3.91 -10.64 -10.83
CA TRP A 274 2.50 -10.91 -11.06
C TRP A 274 1.64 -10.03 -10.15
N ILE A 275 0.49 -9.62 -10.69
CA ILE A 275 -0.54 -8.94 -9.92
C ILE A 275 -1.81 -9.75 -10.03
N SER A 276 -2.65 -9.68 -9.00
CA SER A 276 -3.90 -10.43 -9.05
C SER A 276 -4.98 -9.56 -8.42
N GLY A 277 -6.22 -9.81 -8.79
CA GLY A 277 -7.28 -9.05 -8.17
C GLY A 277 -8.59 -9.18 -8.92
N TRP A 278 -9.60 -8.55 -8.31
CA TRP A 278 -10.92 -8.44 -8.89
C TRP A 278 -11.16 -7.07 -9.50
N GLY A 279 -10.07 -6.33 -9.76
CA GLY A 279 -10.22 -5.00 -10.30
C GLY A 279 -10.91 -5.01 -11.64
N ALA A 280 -11.55 -3.88 -11.95
CA ALA A 280 -12.20 -3.74 -13.25
C ALA A 280 -11.24 -4.24 -14.32
N THR A 281 -11.79 -4.86 -15.34
CA THR A 281 -10.97 -5.30 -16.46
C THR A 281 -10.84 -4.24 -17.55
N GLU A 282 -11.20 -2.99 -17.23
CA GLU A 282 -11.24 -1.88 -18.17
C GLU A 282 -11.56 -0.63 -17.37
N GLU A 283 -10.86 0.47 -17.68
CA GLU A 283 -11.09 1.72 -16.98
C GLU A 283 -12.58 2.03 -16.89
N LYS A 284 -13.00 2.59 -15.75
CA LYS A 284 -14.39 2.92 -15.46
C LYS A 284 -15.29 1.67 -15.43
N GLY A 285 -14.71 0.47 -15.32
CA GLY A 285 -15.52 -0.74 -15.31
C GLY A 285 -15.87 -1.20 -13.91
N LYS A 286 -16.75 -2.20 -13.85
CA LYS A 286 -17.19 -2.76 -12.57
C LYS A 286 -16.24 -3.88 -12.10
N THR A 287 -16.30 -4.15 -10.80
CA THR A 287 -15.54 -5.22 -10.20
C THR A 287 -15.73 -6.50 -10.99
N SER A 288 -14.63 -7.18 -11.30
CA SER A 288 -14.70 -8.49 -11.94
C SER A 288 -15.39 -9.50 -11.02
N GLU A 289 -16.28 -10.33 -11.60
CA GLU A 289 -16.87 -11.42 -10.82
C GLU A 289 -15.81 -12.40 -10.35
N VAL A 290 -14.79 -12.67 -11.18
CA VAL A 290 -13.80 -13.71 -10.88
C VAL A 290 -12.43 -13.08 -10.68
N LEU A 291 -11.60 -13.78 -9.90
CA LEU A 291 -10.21 -13.35 -9.69
C LEU A 291 -9.41 -13.50 -10.97
N ASN A 292 -8.66 -12.45 -11.32
CA ASN A 292 -7.79 -12.44 -12.49
C ASN A 292 -6.37 -12.18 -12.05
N ALA A 293 -5.43 -12.44 -12.94
CA ALA A 293 -4.03 -12.20 -12.63
C ALA A 293 -3.31 -11.92 -13.94
N ALA A 294 -2.17 -11.23 -13.84
CA ALA A 294 -1.41 -10.87 -15.02
C ALA A 294 0.07 -10.68 -14.66
N LYS A 295 0.91 -10.84 -15.67
CA LYS A 295 2.33 -10.52 -15.52
C LYS A 295 2.60 -9.04 -15.76
N VAL A 296 3.51 -8.46 -14.97
CA VAL A 296 3.98 -7.10 -15.18
C VAL A 296 5.48 -7.07 -14.92
N LEU A 297 6.18 -6.09 -15.53
CA LEU A 297 7.61 -5.96 -15.23
C LEU A 297 7.81 -4.76 -14.31
N LEU A 298 8.76 -4.85 -13.39
CA LEU A 298 9.20 -3.66 -12.69
C LEU A 298 9.73 -2.62 -13.67
N ILE A 299 9.50 -1.34 -13.34
CA ILE A 299 10.00 -0.22 -14.12
C ILE A 299 10.83 0.63 -13.20
N GLU A 300 12.07 0.92 -13.61
CA GLU A 300 12.98 1.67 -12.77
C GLU A 300 12.39 3.02 -12.40
N THR A 301 12.52 3.39 -11.13
CA THR A 301 11.89 4.62 -10.66
C THR A 301 12.35 5.85 -11.45
N GLN A 302 13.64 5.91 -11.82
CA GLN A 302 14.11 7.04 -12.63
C GLN A 302 13.36 7.11 -13.96
N ARG A 303 13.02 5.97 -14.52
CA ARG A 303 12.27 6.01 -15.76
C ARG A 303 10.80 6.37 -15.47
N CYS A 304 10.26 5.83 -14.37
CA CYS A 304 8.90 6.16 -13.96
C CYS A 304 8.73 7.65 -13.65
N ASN A 305 9.82 8.33 -13.24
CA ASN A 305 9.75 9.73 -12.87
C ASN A 305 10.01 10.66 -14.05
N SER A 306 10.18 10.11 -15.24
CA SER A 306 10.26 10.87 -16.48
C SER A 306 9.12 11.89 -16.59
N ARG A 307 9.41 13.03 -17.22
CA ARG A 307 8.38 14.02 -17.45
C ARG A 307 7.22 13.48 -18.29
N TYR A 308 7.44 12.35 -19.00
CA TYR A 308 6.41 11.72 -19.82
C TYR A 308 5.63 10.63 -19.09
N VAL A 309 6.01 10.32 -17.86
CA VAL A 309 5.33 9.31 -17.06
C VAL A 309 4.74 10.02 -15.85
N TYR A 310 5.34 9.86 -14.66
CA TYR A 310 4.74 10.48 -13.47
C TYR A 310 5.49 11.69 -12.95
N ASP A 311 6.56 12.14 -13.63
CA ASP A 311 7.16 13.46 -13.45
C ASP A 311 7.38 13.81 -11.97
N ASN A 312 8.17 12.96 -11.32
CA ASN A 312 8.68 13.13 -9.95
C ASN A 312 7.63 12.93 -8.87
N LEU A 313 6.50 12.27 -9.17
CA LEU A 313 5.61 11.84 -8.10
C LEU A 313 6.00 10.51 -7.46
N ILE A 314 6.98 9.78 -7.98
CA ILE A 314 7.30 8.45 -7.43
C ILE A 314 8.35 8.62 -6.34
N THR A 315 7.98 8.33 -5.10
CA THR A 315 8.89 8.51 -3.96
C THR A 315 9.63 7.21 -3.66
N PRO A 316 10.64 7.26 -2.78
CA PRO A 316 11.33 6.01 -2.41
C PRO A 316 10.44 4.96 -1.80
N ALA A 317 9.27 5.32 -1.28
CA ALA A 317 8.32 4.35 -0.74
C ALA A 317 7.35 3.80 -1.79
N MET A 318 7.62 4.06 -3.08
CA MET A 318 6.80 3.56 -4.18
C MET A 318 7.66 2.81 -5.18
N ILE A 319 7.04 1.85 -5.89
CA ILE A 319 7.67 1.26 -7.07
C ILE A 319 6.67 1.20 -8.21
N CYS A 320 7.18 1.25 -9.44
CA CYS A 320 6.33 1.16 -10.62
C CYS A 320 6.44 -0.21 -11.26
N ALA A 321 5.32 -0.70 -11.79
CA ALA A 321 5.30 -1.96 -12.50
C ALA A 321 4.23 -1.92 -13.57
N GLY A 322 4.50 -2.59 -14.68
CA GLY A 322 3.58 -2.71 -15.79
C GLY A 322 4.39 -2.70 -17.07
N PHE A 323 3.89 -1.93 -18.05
CA PHE A 323 4.50 -1.70 -19.36
C PHE A 323 4.22 -0.26 -19.78
N LEU A 324 5.27 0.46 -20.16
CA LEU A 324 5.08 1.83 -20.62
C LEU A 324 4.25 1.89 -21.90
N GLN A 325 4.10 0.78 -22.62
N GLN A 325 4.44 0.92 -22.78
CA GLN A 325 3.09 0.75 -23.67
CA GLN A 325 4.16 1.09 -24.21
C GLN A 325 1.65 0.60 -23.14
C GLN A 325 3.02 0.18 -24.64
N GLY A 326 1.47 0.18 -21.90
N GLY A 326 2.17 0.70 -25.50
CA GLY A 326 0.15 -0.02 -21.33
CA GLY A 326 0.96 0.01 -25.89
C GLY A 326 -0.38 -1.44 -21.47
C GLY A 326 -0.06 -0.04 -24.76
N ASN A 327 -1.67 -1.58 -21.79
N ASN A 327 -1.33 -0.22 -25.17
CA ASN A 327 -2.29 -2.85 -22.18
CA ASN A 327 -2.45 -0.30 -24.22
C ASN A 327 -2.54 -3.80 -21.00
C ASN A 327 -2.61 -1.74 -23.73
N VAL A 328 -1.61 -3.89 -20.05
N VAL A 328 -1.61 -2.19 -22.98
CA VAL A 328 -1.72 -4.77 -18.88
CA VAL A 328 -1.67 -3.50 -22.34
C VAL A 328 -1.46 -3.94 -17.64
C VAL A 328 -2.54 -3.38 -21.10
N ASP A 329 -2.39 -3.99 -16.68
N ASP A 329 -3.49 -4.30 -20.95
CA ASP A 329 -2.27 -3.12 -15.51
CA ASP A 329 -4.41 -4.19 -19.82
C ASP A 329 -3.33 -3.51 -14.48
C ASP A 329 -3.77 -4.79 -18.58
N SER A 330 -3.09 -3.10 -13.23
N SER A 330 -3.36 -3.93 -17.65
CA SER A 330 -4.12 -3.12 -12.21
CA SER A 330 -2.80 -4.33 -16.36
C SER A 330 -5.10 -1.96 -12.44
C SER A 330 -3.73 -3.95 -15.20
N CYS A 331 -6.23 -1.99 -11.74
N CYS A 331 -5.04 -3.89 -15.45
CA CYS A 331 -7.26 -1.00 -12.01
CA CYS A 331 -6.03 -3.42 -14.50
C CYS A 331 -8.09 -0.80 -10.74
C CYS A 331 -6.52 -4.51 -13.56
N GLN A 332 -9.11 0.07 -10.84
N GLN A 332 -5.91 -5.70 -13.57
CA GLN A 332 -10.02 0.25 -9.72
CA GLN A 332 -6.46 -6.80 -12.81
C GLN A 332 -10.57 -1.10 -9.27
C GLN A 332 -6.37 -6.56 -11.30
N GLY A 333 -10.47 -1.36 -7.97
N GLY A 333 -5.40 -5.77 -10.86
CA GLY A 333 -10.76 -2.66 -7.39
CA GLY A 333 -5.21 -5.57 -9.42
C GLY A 333 -9.52 -3.41 -6.95
C GLY A 333 -6.23 -4.63 -8.80
N ASP A 334 -8.35 -3.06 -7.47
N ASP A 334 -6.63 -4.96 -7.58
CA ASP A 334 -7.16 -3.82 -7.13
CA ASP A 334 -7.38 -4.05 -6.72
C ASP A 334 -6.36 -3.21 -6.00
C ASP A 334 -6.41 -3.28 -5.85
N ALA A 335 -6.77 -2.04 -5.50
CA ALA A 335 -6.02 -1.34 -4.45
C ALA A 335 -5.76 -2.26 -3.26
N GLY A 336 -4.53 -2.24 -2.76
CA GLY A 336 -4.16 -3.06 -1.63
C GLY A 336 -3.73 -4.47 -1.97
N GLY A 337 -3.97 -4.92 -3.19
CA GLY A 337 -3.69 -6.29 -3.55
C GLY A 337 -2.21 -6.50 -3.82
N PRO A 338 -1.86 -7.73 -4.11
CA PRO A 338 -0.43 -8.12 -4.17
C PRO A 338 0.22 -7.83 -5.52
N LEU A 339 1.47 -7.41 -5.44
CA LEU A 339 2.43 -7.49 -6.53
C LEU A 339 3.51 -8.42 -6.00
N VAL A 340 3.67 -9.59 -6.66
CA VAL A 340 4.54 -10.66 -6.12
C VAL A 340 5.56 -11.07 -7.17
N THR A 341 6.67 -11.63 -6.69
CA THR A 341 7.67 -12.16 -7.62
C THR A 341 8.18 -13.50 -7.09
N SER A 342 8.58 -14.37 -8.01
CA SER A 342 9.08 -15.68 -7.67
C SER A 342 10.61 -15.66 -7.73
N LYS A 343 11.26 -16.06 -6.62
CA LYS A 343 12.72 -16.13 -6.61
C LYS A 343 13.12 -17.18 -5.59
N ASN A 344 14.08 -18.04 -5.97
CA ASN A 344 14.51 -19.17 -5.15
C ASN A 344 13.31 -20.09 -4.86
N ASN A 345 12.39 -20.19 -5.82
CA ASN A 345 11.19 -21.03 -5.70
CA ASN A 345 11.19 -21.03 -5.71
C ASN A 345 10.28 -20.60 -4.56
N ILE A 346 10.31 -19.31 -4.24
CA ILE A 346 9.45 -18.72 -3.21
C ILE A 346 8.75 -17.50 -3.81
N TRP A 347 7.46 -17.32 -3.49
CA TRP A 347 6.72 -16.13 -3.90
C TRP A 347 6.85 -15.07 -2.82
N TRP A 348 7.28 -13.88 -3.21
CA TRP A 348 7.54 -12.81 -2.26
C TRP A 348 6.67 -11.62 -2.58
N LEU A 349 6.25 -10.90 -1.53
CA LEU A 349 5.34 -9.74 -1.67
C LEU A 349 6.19 -8.49 -1.86
N ILE A 350 6.20 -7.95 -3.07
CA ILE A 350 7.11 -6.85 -3.37
C ILE A 350 6.35 -5.53 -3.30
N GLY A 351 5.05 -5.55 -3.61
CA GLY A 351 4.33 -4.30 -3.52
C GLY A 351 2.88 -4.54 -3.14
N ASP A 352 2.22 -3.44 -2.74
CA ASP A 352 0.75 -3.42 -2.65
C ASP A 352 0.17 -2.37 -3.58
N THR A 353 -0.87 -2.75 -4.34
CA THR A 353 -1.40 -1.84 -5.35
C THR A 353 -1.85 -0.53 -4.73
N SER A 354 -1.38 0.60 -5.27
CA SER A 354 -1.66 1.89 -4.64
C SER A 354 -2.37 2.83 -5.60
N TRP A 355 -1.73 3.29 -6.67
CA TRP A 355 -2.37 4.32 -7.48
C TRP A 355 -1.93 4.23 -8.94
N GLY A 356 -2.56 5.02 -9.78
N GLY A 356 -2.59 5.03 -9.76
CA GLY A 356 -2.25 4.94 -11.19
CA GLY A 356 -2.40 5.03 -11.20
C GLY A 356 -3.30 5.60 -12.03
C GLY A 356 -3.68 5.28 -11.98
N SER A 357 -2.84 6.43 -12.97
N SER A 357 -4.62 4.32 -11.90
CA SER A 357 -3.74 7.33 -13.67
CA SER A 357 -5.88 4.33 -12.66
C SER A 357 -4.43 6.59 -14.82
C SER A 357 -5.66 4.17 -14.16
N GLY A 358 -5.75 6.48 -14.74
N GLY A 358 -4.55 4.71 -14.68
CA GLY A 358 -6.40 5.63 -15.71
CA GLY A 358 -4.25 4.55 -16.10
C GLY A 358 -6.06 4.16 -15.43
C GLY A 358 -3.75 3.15 -16.44
N CYS A 359 -6.35 3.32 -16.42
N CYS A 359 -4.38 2.13 -15.86
CA CYS A 359 -6.03 1.91 -16.32
CA CYS A 359 -3.86 0.76 -15.84
C CYS A 359 -5.45 1.45 -17.64
C CYS A 359 -3.95 0.06 -17.19
N ALA A 360 -4.24 0.91 -17.60
N ALA A 360 -4.64 0.64 -18.17
CA ALA A 360 -3.55 0.31 -18.74
CA ALA A 360 -4.65 0.11 -19.53
C ALA A 360 -3.30 1.29 -19.89
C ALA A 360 -4.15 1.14 -20.54
N LYS A 361 -3.23 2.59 -19.63
N LYS A 361 -3.33 2.09 -20.10
CA LYS A 361 -2.84 3.53 -20.66
CA LYS A 361 -2.90 3.23 -20.89
C LYS A 361 -1.33 3.52 -20.85
C LYS A 361 -1.37 3.31 -20.94
N ALA A 362 -0.88 3.79 -22.08
CA ALA A 362 0.55 3.99 -22.30
C ALA A 362 1.11 5.08 -21.40
N TYR A 363 2.33 4.86 -20.89
CA TYR A 363 3.06 5.83 -20.08
C TYR A 363 2.35 6.14 -18.75
N ARG A 364 1.53 5.22 -18.27
CA ARG A 364 0.82 5.36 -16.99
C ARG A 364 0.82 3.99 -16.31
N PRO A 365 1.97 3.49 -15.90
CA PRO A 365 1.99 2.16 -15.28
C PRO A 365 1.41 2.18 -13.87
N GLY A 366 1.27 1.00 -13.27
CA GLY A 366 0.80 0.93 -11.91
C GLY A 366 1.86 1.36 -10.90
N VAL A 367 1.41 2.01 -9.82
CA VAL A 367 2.27 2.39 -8.70
C VAL A 367 1.88 1.57 -7.48
N TYR A 368 2.88 1.08 -6.77
CA TYR A 368 2.70 0.13 -5.68
C TYR A 368 3.46 0.64 -4.46
N GLY A 369 2.92 0.42 -3.27
CA GLY A 369 3.74 0.60 -2.08
C GLY A 369 4.90 -0.37 -2.11
N ASN A 370 6.07 0.13 -1.70
CA ASN A 370 7.34 -0.59 -1.78
C ASN A 370 7.49 -1.36 -0.47
N VAL A 371 7.03 -2.62 -0.46
CA VAL A 371 6.87 -3.36 0.78
C VAL A 371 8.22 -3.58 1.48
N MET A 372 9.31 -3.66 0.71
N MET A 372 9.29 -3.66 0.71
CA MET A 372 10.61 -3.84 1.33
CA MET A 372 10.63 -3.84 1.29
C MET A 372 10.89 -2.75 2.34
C MET A 372 10.93 -2.75 2.31
N VAL A 373 10.55 -1.50 2.00
CA VAL A 373 10.87 -0.42 2.93
C VAL A 373 9.92 -0.37 4.11
N PHE A 374 8.82 -1.15 4.09
CA PHE A 374 7.87 -1.20 5.19
C PHE A 374 8.01 -2.42 6.11
N THR A 375 8.88 -3.37 5.76
CA THR A 375 8.92 -4.62 6.52
CA THR A 375 8.93 -4.62 6.53
C THR A 375 9.26 -4.40 7.99
N ASP A 376 10.18 -3.46 8.30
CA ASP A 376 10.51 -3.23 9.71
C ASP A 376 9.32 -2.70 10.50
N TRP A 377 8.54 -1.81 9.90
CA TRP A 377 7.31 -1.36 10.55
C TRP A 377 6.34 -2.53 10.75
N ILE A 378 6.19 -3.38 9.73
CA ILE A 378 5.26 -4.49 9.84
C ILE A 378 5.65 -5.39 11.02
N TYR A 379 6.93 -5.74 11.10
CA TYR A 379 7.40 -6.54 12.24
C TYR A 379 7.08 -5.87 13.55
N ARG A 380 7.33 -4.56 13.64
CA ARG A 380 7.04 -3.86 14.89
C ARG A 380 5.56 -4.01 15.25
N GLN A 381 4.68 -3.89 14.26
CA GLN A 381 3.24 -3.97 14.57
C GLN A 381 2.86 -5.37 15.03
N MET A 382 3.36 -6.39 14.34
CA MET A 382 3.05 -7.77 14.73
C MET A 382 3.57 -8.07 16.12
N ARG A 383 4.76 -7.56 16.42
CA ARG A 383 5.35 -7.78 17.74
C ARG A 383 4.58 -7.03 18.83
N ALA A 384 4.07 -5.83 18.51
CA ALA A 384 3.38 -5.06 19.54
C ALA A 384 2.01 -5.63 19.87
N ASP A 385 1.41 -6.38 18.95
CA ASP A 385 0.13 -6.98 19.20
C ASP A 385 0.20 -8.07 20.26
N GLY B 15 6.46 18.12 -10.83
CA GLY B 15 6.27 19.39 -10.17
C GLY B 15 5.02 19.30 -9.31
N GLN B 16 4.89 20.19 -8.34
CA GLN B 16 3.67 20.18 -7.53
C GLN B 16 2.49 20.72 -8.36
N VAL B 17 1.34 20.08 -8.22
CA VAL B 17 0.19 20.51 -9.00
C VAL B 17 -0.26 21.89 -8.53
N GLN B 18 -0.70 22.74 -9.47
CA GLN B 18 -1.21 24.08 -9.20
C GLN B 18 -2.61 24.14 -9.81
N LEU B 19 -3.63 24.19 -8.97
CA LEU B 19 -5.02 24.18 -9.42
C LEU B 19 -5.52 25.60 -9.65
N VAL B 20 -6.34 25.79 -10.69
CA VAL B 20 -6.91 27.10 -10.96
C VAL B 20 -8.38 26.93 -11.35
N GLU B 21 -9.27 27.47 -10.53
CA GLU B 21 -10.72 27.42 -10.77
C GLU B 21 -11.18 28.66 -11.57
N SER B 22 -12.23 28.48 -12.37
CA SER B 22 -12.87 29.61 -13.06
C SER B 22 -14.35 29.28 -13.26
N GLY B 23 -15.10 30.23 -13.87
CA GLY B 23 -16.49 30.03 -14.17
C GLY B 23 -17.47 30.63 -13.17
N GLY B 24 -16.98 31.17 -12.06
CA GLY B 24 -17.83 31.83 -11.10
C GLY B 24 -18.41 33.13 -11.63
N GLY B 25 -19.17 33.79 -10.79
CA GLY B 25 -19.76 35.06 -11.15
C GLY B 25 -21.10 35.27 -10.48
N LEU B 26 -21.77 36.32 -10.91
CA LEU B 26 -23.04 36.75 -10.35
C LEU B 26 -24.18 36.18 -11.20
N VAL B 27 -25.18 35.57 -10.55
CA VAL B 27 -26.40 35.08 -11.20
C VAL B 27 -27.59 35.34 -10.29
N GLN B 28 -28.78 35.35 -10.90
CA GLN B 28 -30.03 35.48 -10.15
C GLN B 28 -30.45 34.11 -9.63
N PRO B 29 -31.24 34.06 -8.55
CA PRO B 29 -31.85 32.79 -8.14
C PRO B 29 -32.47 32.07 -9.32
N GLY B 30 -32.25 30.76 -9.40
CA GLY B 30 -32.73 29.99 -10.52
C GLY B 30 -31.75 29.84 -11.67
N GLY B 31 -30.66 30.62 -11.68
CA GLY B 31 -29.73 30.59 -12.78
C GLY B 31 -28.72 29.44 -12.65
N SER B 32 -27.83 29.35 -13.64
CA SER B 32 -26.83 28.29 -13.71
C SER B 32 -25.45 28.88 -13.90
N LEU B 33 -24.45 28.11 -13.43
CA LEU B 33 -23.04 28.40 -13.70
C LEU B 33 -22.35 27.08 -13.99
N ARG B 34 -21.26 27.14 -14.74
CA ARG B 34 -20.43 25.96 -14.92
C ARG B 34 -19.04 26.32 -14.42
N LEU B 35 -18.65 25.76 -13.28
CA LEU B 35 -17.27 25.95 -12.82
C LEU B 35 -16.34 24.98 -13.52
N SER B 36 -15.06 25.37 -13.61
CA SER B 36 -14.11 24.40 -14.12
C SER B 36 -12.79 24.65 -13.43
N CYS B 37 -11.97 23.62 -13.46
CA CYS B 37 -10.68 23.70 -12.80
C CYS B 37 -9.68 23.07 -13.72
N THR B 38 -8.54 23.74 -13.90
CA THR B 38 -7.46 23.17 -14.68
C THR B 38 -6.19 23.16 -13.82
N SER B 39 -5.10 22.66 -14.38
CA SER B 39 -3.89 22.59 -13.56
C SER B 39 -2.70 22.98 -14.40
N SER B 40 -1.70 23.54 -13.73
CA SER B 40 -0.34 23.53 -14.23
C SER B 40 0.53 22.71 -13.30
N GLY B 41 1.77 22.45 -13.72
CA GLY B 41 2.73 21.74 -12.90
C GLY B 41 2.66 20.24 -13.02
N SER B 42 1.45 19.68 -13.00
CA SER B 42 1.21 18.24 -12.99
C SER B 42 -0.19 18.05 -13.57
N PRO B 43 -0.43 17.07 -14.47
CA PRO B 43 -1.75 16.94 -15.10
C PRO B 43 -2.84 16.57 -14.10
N LEU B 44 -4.03 17.13 -14.31
CA LEU B 44 -5.14 16.87 -13.41
C LEU B 44 -5.55 15.40 -13.39
N GLU B 45 -5.29 14.67 -14.48
CA GLU B 45 -5.66 13.27 -14.59
C GLU B 45 -5.13 12.42 -13.44
N HIS B 46 -4.07 12.85 -12.75
CA HIS B 46 -3.54 12.05 -11.66
C HIS B 46 -4.31 12.22 -10.35
N TYR B 47 -5.26 13.15 -10.29
CA TYR B 47 -5.80 13.62 -9.01
C TYR B 47 -7.29 13.31 -8.89
N ASP B 48 -7.68 12.77 -7.73
CA ASP B 48 -9.06 12.83 -7.26
C ASP B 48 -9.38 14.28 -6.90
N ILE B 49 -10.60 14.73 -7.20
CA ILE B 49 -10.92 16.15 -7.07
C ILE B 49 -12.16 16.32 -6.20
N ILE B 50 -12.09 17.23 -5.24
CA ILE B 50 -13.26 17.62 -4.44
C ILE B 50 -13.53 19.11 -4.67
N TRP B 51 -14.77 19.45 -5.05
CA TRP B 51 -15.19 20.85 -4.99
C TRP B 51 -15.73 21.10 -3.59
N PHE B 52 -15.19 22.14 -2.92
CA PHE B 52 -15.74 22.59 -1.65
C PHE B 52 -16.02 24.08 -1.75
N ARG B 53 -16.81 24.59 -0.81
CA ARG B 53 -17.16 26.00 -0.84
C ARG B 53 -17.08 26.58 0.57
N GLN B 54 -16.88 27.88 0.62
CA GLN B 54 -16.93 28.55 1.90
C GLN B 54 -17.45 29.96 1.70
N ALA B 55 -18.46 30.32 2.49
CA ALA B 55 -18.95 31.67 2.55
C ALA B 55 -18.48 32.31 3.84
N PRO B 56 -18.19 33.61 3.82
CA PRO B 56 -17.70 34.27 5.03
C PRO B 56 -18.66 34.10 6.19
N GLY B 57 -18.12 33.72 7.34
CA GLY B 57 -18.93 33.49 8.51
C GLY B 57 -19.36 32.06 8.71
N ARG B 58 -19.22 31.20 7.70
CA ARG B 58 -19.70 29.83 7.76
C ARG B 58 -18.53 28.87 7.60
N GLU B 59 -18.77 27.60 7.94
CA GLU B 59 -17.74 26.56 7.79
C GLU B 59 -17.62 26.13 6.34
N ARG B 60 -16.43 25.63 5.99
CA ARG B 60 -16.22 24.99 4.70
C ARG B 60 -17.15 23.80 4.54
N GLU B 61 -17.54 23.56 3.30
CA GLU B 61 -18.55 22.55 2.96
C GLU B 61 -18.11 21.87 1.67
N GLY B 62 -17.78 20.59 1.75
CA GLY B 62 -17.54 19.82 0.53
C GLY B 62 -18.86 19.60 -0.19
N VAL B 63 -18.87 19.81 -1.50
CA VAL B 63 -20.14 19.70 -2.22
C VAL B 63 -20.09 18.59 -3.26
N SER B 64 -18.92 18.32 -3.84
CA SER B 64 -18.96 17.24 -4.82
C SER B 64 -17.56 16.67 -5.01
N SER B 65 -17.47 15.38 -5.38
CA SER B 65 -16.14 14.80 -5.58
C SER B 65 -16.20 13.79 -6.71
N ILE B 66 -15.03 13.51 -7.28
CA ILE B 66 -14.91 12.59 -8.42
C ILE B 66 -13.52 11.95 -8.40
N THR B 67 -13.46 10.65 -8.73
CA THR B 67 -12.18 9.93 -8.83
C THR B 67 -11.47 10.28 -10.14
N THR B 68 -10.18 9.89 -10.23
CA THR B 68 -9.40 10.14 -11.44
C THR B 68 -10.06 9.61 -12.71
N SER B 69 -10.61 8.40 -12.64
CA SER B 69 -11.25 7.78 -13.79
C SER B 69 -12.67 8.30 -14.04
N GLY B 70 -13.24 9.02 -13.09
CA GLY B 70 -14.61 9.45 -13.21
C GLY B 70 -15.64 8.42 -12.80
N GLY B 71 -15.22 7.24 -12.33
CA GLY B 71 -16.14 6.14 -12.06
C GLY B 71 -16.87 6.17 -10.73
N HIS B 72 -16.54 7.10 -9.84
CA HIS B 72 -17.28 7.31 -8.60
C HIS B 72 -17.46 8.81 -8.44
N THR B 73 -18.71 9.28 -8.37
CA THR B 73 -18.99 10.66 -8.03
C THR B 73 -19.77 10.72 -6.73
N ASN B 74 -19.76 11.90 -6.10
CA ASN B 74 -20.29 12.01 -4.75
C ASN B 74 -20.83 13.43 -4.58
N TYR B 75 -21.99 13.58 -3.91
CA TYR B 75 -22.63 14.89 -3.75
C TYR B 75 -23.15 15.13 -2.34
N ALA B 76 -23.00 16.37 -1.86
CA ALA B 76 -23.65 16.77 -0.63
C ALA B 76 -25.16 16.74 -0.84
N ASP B 77 -25.91 16.28 0.18
CA ASP B 77 -27.38 16.33 0.08
C ASP B 77 -27.90 17.69 -0.38
N SER B 78 -27.26 18.77 0.06
CA SER B 78 -27.72 20.12 -0.26
C SER B 78 -27.67 20.44 -1.75
N VAL B 79 -26.88 19.71 -2.54
CA VAL B 79 -26.71 20.04 -3.95
C VAL B 79 -27.11 18.92 -4.89
N LYS B 80 -27.48 17.75 -4.38
CA LYS B 80 -27.77 16.63 -5.25
C LYS B 80 -28.94 16.99 -6.17
N ASP B 81 -28.89 16.50 -7.40
CA ASP B 81 -29.88 16.79 -8.44
C ASP B 81 -29.71 18.16 -9.09
N ARG B 82 -29.10 19.11 -8.38
CA ARG B 82 -28.82 20.40 -8.99
C ARG B 82 -27.42 20.49 -9.56
N PHE B 83 -26.45 19.84 -8.94
CA PHE B 83 -25.06 19.91 -9.34
C PHE B 83 -24.65 18.61 -10.00
N THR B 84 -23.74 18.71 -10.97
CA THR B 84 -23.19 17.55 -11.64
C THR B 84 -21.71 17.76 -11.88
N ILE B 85 -20.87 16.84 -11.35
CA ILE B 85 -19.42 16.93 -11.52
C ILE B 85 -19.03 16.01 -12.67
N SER B 86 -18.03 16.42 -13.44
CA SER B 86 -17.53 15.53 -14.48
C SER B 86 -16.10 15.94 -14.80
N ARG B 87 -15.41 15.16 -15.61
CA ARG B 87 -14.05 15.56 -15.95
C ARG B 87 -13.70 15.14 -17.36
N ASP B 88 -12.66 15.78 -17.91
CA ASP B 88 -12.12 15.45 -19.23
C ASP B 88 -10.60 15.46 -19.08
N ASN B 89 -10.02 14.27 -19.00
CA ASN B 89 -8.60 14.19 -18.70
C ASN B 89 -7.76 14.63 -19.89
N ALA B 90 -8.23 14.37 -21.11
CA ALA B 90 -7.49 14.81 -22.29
C ALA B 90 -7.40 16.32 -22.37
N LYS B 91 -8.45 17.02 -21.93
CA LYS B 91 -8.45 18.48 -21.91
C LYS B 91 -7.92 19.03 -20.59
N ASN B 92 -7.55 18.17 -19.64
CA ASN B 92 -6.97 18.57 -18.37
C ASN B 92 -7.92 19.43 -17.54
N VAL B 93 -9.19 19.02 -17.46
CA VAL B 93 -10.17 19.88 -16.80
C VAL B 93 -11.16 19.03 -15.99
N VAL B 94 -11.63 19.61 -14.88
CA VAL B 94 -12.73 19.06 -14.09
C VAL B 94 -13.84 20.12 -14.04
N TYR B 95 -15.09 19.68 -14.17
CA TYR B 95 -16.21 20.61 -14.27
C TYR B 95 -17.20 20.40 -13.15
N LEU B 96 -17.89 21.49 -12.78
CA LEU B 96 -19.02 21.44 -11.85
C LEU B 96 -20.16 22.25 -12.45
N GLN B 97 -21.14 21.54 -13.02
CA GLN B 97 -22.34 22.18 -13.54
C GLN B 97 -23.28 22.44 -12.38
N MET B 98 -23.69 23.69 -12.16
CA MET B 98 -24.53 24.08 -11.03
C MET B 98 -25.80 24.70 -11.59
N ASN B 99 -26.90 23.96 -11.48
CA ASN B 99 -28.19 24.47 -11.95
C ASN B 99 -29.08 24.87 -10.77
N SER B 100 -30.13 25.62 -11.08
CA SER B 100 -31.14 26.04 -10.10
C SER B 100 -30.51 26.64 -8.85
N LEU B 101 -29.64 27.62 -9.06
CA LEU B 101 -28.88 28.19 -7.96
C LEU B 101 -29.80 28.97 -7.01
N LYS B 102 -29.38 29.04 -5.75
CA LYS B 102 -30.08 29.63 -4.62
C LYS B 102 -29.16 30.56 -3.87
N PRO B 103 -29.70 31.60 -3.19
CA PRO B 103 -28.84 32.50 -2.41
C PRO B 103 -27.90 31.78 -1.46
N GLU B 104 -28.35 30.68 -0.86
N GLU B 104 -28.35 30.68 -0.86
CA GLU B 104 -27.52 29.87 0.04
CA GLU B 104 -27.53 29.88 0.03
C GLU B 104 -26.36 29.18 -0.67
C GLU B 104 -26.30 29.28 -0.66
N ASP B 105 -26.29 29.24 -2.00
CA ASP B 105 -25.13 28.69 -2.70
C ASP B 105 -24.02 29.73 -2.88
N THR B 106 -24.27 30.99 -2.51
CA THR B 106 -23.23 32.01 -2.55
C THR B 106 -22.06 31.60 -1.67
N ALA B 107 -20.86 31.69 -2.23
CA ALA B 107 -19.64 31.28 -1.54
C ALA B 107 -18.47 31.39 -2.52
N VAL B 108 -17.23 31.34 -2.01
CA VAL B 108 -16.10 31.04 -2.87
C VAL B 108 -16.01 29.52 -3.03
N TYR B 109 -15.87 29.07 -4.29
CA TYR B 109 -15.79 27.65 -4.60
C TYR B 109 -14.34 27.30 -4.93
N TYR B 110 -13.84 26.26 -4.26
CA TYR B 110 -12.46 25.82 -4.39
C TYR B 110 -12.43 24.38 -4.88
N CYS B 111 -11.37 24.07 -5.61
CA CYS B 111 -11.04 22.69 -5.92
C CYS B 111 -9.91 22.21 -5.04
N ALA B 112 -10.04 20.96 -4.55
CA ALA B 112 -9.01 20.29 -3.75
C ALA B 112 -8.62 18.97 -4.42
N GLY B 113 -7.32 18.70 -4.53
CA GLY B 113 -6.87 17.52 -5.22
C GLY B 113 -5.96 16.66 -4.36
N ARG B 114 -6.05 15.35 -4.57
CA ARG B 114 -5.14 14.38 -3.99
C ARG B 114 -4.72 13.42 -5.08
N VAL B 115 -3.49 12.89 -4.99
CA VAL B 115 -3.15 11.76 -5.85
C VAL B 115 -4.22 10.69 -5.65
N GLY B 116 -4.83 10.25 -6.75
CA GLY B 116 -6.00 9.38 -6.62
C GLY B 116 -5.63 7.92 -6.44
N GLY B 117 -6.33 7.25 -5.52
CA GLY B 117 -6.08 5.84 -5.28
C GLY B 117 -6.97 4.94 -6.13
N ARG B 118 -6.70 3.64 -6.06
CA ARG B 118 -7.40 2.66 -6.89
CA ARG B 118 -7.40 2.66 -6.89
C ARG B 118 -8.52 1.94 -6.14
N ARG B 119 -8.92 2.43 -4.96
CA ARG B 119 -9.97 1.68 -4.28
C ARG B 119 -11.33 1.92 -4.95
N ASN B 120 -12.24 0.99 -4.71
CA ASN B 120 -13.58 1.01 -5.29
CA ASN B 120 -13.59 1.03 -5.28
C ASN B 120 -14.56 1.68 -4.30
N TRP B 121 -14.44 3.00 -4.18
CA TRP B 121 -15.24 3.74 -3.21
C TRP B 121 -15.26 5.22 -3.58
N ILE B 122 -16.27 5.94 -3.08
CA ILE B 122 -16.32 7.39 -3.32
C ILE B 122 -15.15 8.10 -2.63
N VAL B 123 -14.86 9.29 -3.13
CA VAL B 123 -13.93 10.24 -2.52
C VAL B 123 -14.73 11.04 -1.49
N PRO B 124 -14.35 11.02 -0.21
CA PRO B 124 -15.18 11.69 0.80
C PRO B 124 -15.19 13.20 0.60
N LEU B 125 -16.34 13.82 0.89
CA LEU B 125 -16.52 15.25 0.68
C LEU B 125 -15.65 16.09 1.62
N ASP B 126 -15.25 15.57 2.77
CA ASP B 126 -14.39 16.32 3.69
C ASP B 126 -12.89 16.11 3.42
N GLY B 127 -12.54 15.55 2.27
CA GLY B 127 -11.13 15.30 1.93
C GLY B 127 -10.31 16.53 1.58
N TYR B 128 -10.93 17.71 1.47
CA TYR B 128 -10.14 18.93 1.25
C TYR B 128 -9.24 19.27 2.43
N ASP B 129 -9.39 18.59 3.57
CA ASP B 129 -8.59 18.94 4.73
C ASP B 129 -7.12 18.57 4.58
N ASN B 130 -6.76 17.71 3.60
CA ASN B 130 -5.35 17.38 3.33
C ASN B 130 -5.25 17.20 1.81
N ALA B 131 -5.00 18.29 1.12
CA ALA B 131 -5.10 18.30 -0.33
C ALA B 131 -4.40 19.54 -0.87
N TYR B 132 -4.06 19.50 -2.16
CA TYR B 132 -3.76 20.72 -2.89
C TYR B 132 -5.03 21.51 -3.14
N TRP B 133 -4.95 22.83 -3.05
CA TRP B 133 -6.11 23.72 -3.21
C TRP B 133 -5.85 24.74 -4.31
N GLY B 134 -6.90 25.11 -5.03
CA GLY B 134 -6.85 26.25 -5.94
C GLY B 134 -7.03 27.57 -5.20
N GLN B 135 -7.11 28.66 -5.97
CA GLN B 135 -7.30 30.00 -5.43
CA GLN B 135 -7.30 29.94 -5.33
C GLN B 135 -8.77 30.33 -5.18
N GLY B 136 -9.68 29.56 -5.74
CA GLY B 136 -11.10 29.79 -5.54
C GLY B 136 -11.72 30.72 -6.58
N THR B 137 -13.04 30.57 -6.76
CA THR B 137 -13.78 31.43 -7.69
C THR B 137 -15.08 31.83 -7.01
N GLN B 138 -15.37 33.13 -6.99
CA GLN B 138 -16.52 33.66 -6.25
C GLN B 138 -17.79 33.36 -7.02
N VAL B 139 -18.81 32.86 -6.32
CA VAL B 139 -20.13 32.62 -6.87
C VAL B 139 -21.08 33.42 -6.03
N THR B 140 -21.86 34.32 -6.67
CA THR B 140 -22.81 35.15 -5.97
C THR B 140 -24.18 34.98 -6.61
N VAL B 141 -25.17 34.62 -5.81
CA VAL B 141 -26.54 34.38 -6.26
C VAL B 141 -27.42 35.39 -5.54
N SER B 142 -27.93 36.38 -6.27
CA SER B 142 -28.83 37.36 -5.68
C SER B 142 -29.61 38.07 -6.78
N SER B 143 -30.71 38.71 -6.38
CA SER B 143 -31.52 39.49 -7.31
C SER B 143 -30.91 40.88 -7.47
N GLY B 144 -30.56 41.24 -8.70
CA GLY B 144 -30.01 42.56 -8.98
C GLY B 144 -28.49 42.64 -8.85
C1 NAG C . 32.42 -17.45 27.22
C2 NAG C . 33.53 -16.40 27.10
C3 NAG C . 34.49 -16.50 28.30
C4 NAG C . 33.73 -16.50 29.62
C5 NAG C . 32.60 -17.53 29.61
C6 NAG C . 31.71 -17.41 30.82
C7 NAG C . 34.14 -15.74 24.81
C8 NAG C . 35.00 -16.06 23.61
N2 NAG C . 34.26 -16.56 25.85
O3 NAG C . 35.37 -15.39 28.28
O4 NAG C . 34.61 -16.80 30.70
O5 NAG C . 31.76 -17.32 28.47
O6 NAG C . 31.34 -16.05 31.03
O7 NAG C . 33.36 -14.78 24.81
CA CA D . 18.83 3.75 15.84
#